data_6PH9
#
_entry.id   6PH9
#
_cell.length_a   105.990
_cell.length_b   105.990
_cell.length_c   52.570
_cell.angle_alpha   90.00
_cell.angle_beta   90.00
_cell.angle_gamma   120.00
#
_symmetry.space_group_name_H-M   'P 32 2 1'
#
loop_
_entity.id
_entity.type
_entity.pdbx_description
1 polymer 'UDP-2,3-diacylglucosamine hydrolase'
2 non-polymer 'MANGANESE (II) ION'
3 non-polymer '(R)-((2R,3S,4R,5R,6R)-3-HYDROXY-2-(HYDROXYMETHYL)-5-((R)-3-HYDROXYTETRADECANAMIDO)-6-(PHOSPHONOOXY)TETRAHYDRO-2H-PYRAN-4-YL) 3-HYDROXYTETRADECANOATE'
4 non-polymer 'TETRAETHYLENE GLYCOL'
5 non-polymer 'CALCIUM ION'
6 non-polymer 1,2-ETHANEDIOL
7 water water
#
_entity_poly.entity_id   1
_entity_poly.type   'polypeptide(L)'
_entity_poly.pdbx_seq_one_letter_code
;MVATLFIADLHLQTEEPAITAGFLRFLQGEARQADALYILGDLFEAWIGDDDPNPLHQQIASAIKAVVDAGVPCYFIHGN
RDFLVGQRFARQSGMILLAEEERLDLYGREVLIMHGDTLCTDDQGYLAFRAKVHTPWIQRLFLALPLFIRHRIAARMRAD
SKAANSSKSMEIMDVNPQAVVDAMERHHVQWLIHGHTHRPAVHELQANGQPAWRVVLGAWHSEGSMVKVTPDDVELIHFP
FLEENLYFQSHHHHHHHHHH
;
_entity_poly.pdbx_strand_id   A
#
loop_
_chem_comp.id
_chem_comp.type
_chem_comp.name
_chem_comp.formula
CA non-polymer 'CALCIUM ION' 'Ca 2'
EDO non-polymer 1,2-ETHANEDIOL 'C2 H6 O2'
LP5 non-polymer '(R)-((2R,3S,4R,5R,6R)-3-HYDROXY-2-(HYDROXYMETHYL)-5-((R)-3-HYDROXYTETRADECANAMIDO)-6-(PHOSPHONOOXY)TETRAHYDRO-2H-PYRAN-4-YL) 3-HYDROXYTETRADECANOATE' 'C34 H66 N O12 P'
MN non-polymer 'MANGANESE (II) ION' 'Mn 2'
PG4 non-polymer 'TETRAETHYLENE GLYCOL' 'C8 H18 O5'
#
# COMPACT_ATOMS: atom_id res chain seq x y z
N MET A 1 12.84 4.31 18.70
CA MET A 1 13.94 3.77 17.91
C MET A 1 14.16 4.60 16.65
N VAL A 2 15.42 4.69 16.22
CA VAL A 2 15.76 5.37 14.97
C VAL A 2 15.52 4.43 13.81
N ALA A 3 14.26 4.28 13.41
CA ALA A 3 13.89 3.42 12.29
C ALA A 3 12.57 3.91 11.70
N THR A 4 12.40 3.66 10.41
CA THR A 4 11.18 4.00 9.69
C THR A 4 10.60 2.72 9.12
N LEU A 5 9.27 2.56 9.22
CA LEU A 5 8.60 1.31 8.91
C LEU A 5 7.71 1.46 7.69
N PHE A 6 7.59 0.37 6.94
CA PHE A 6 6.77 0.31 5.73
C PHE A 6 5.97 -0.98 5.72
N ILE A 7 4.67 -0.86 5.45
CA ILE A 7 3.79 -2.02 5.30
C ILE A 7 2.88 -1.76 4.10
N ALA A 8 2.27 -2.84 3.60
CA ALA A 8 1.36 -2.73 2.47
C ALA A 8 0.60 -4.05 2.34
N ASP A 9 -0.48 -4.00 1.55
CA ASP A 9 -1.22 -5.19 1.14
C ASP A 9 -1.73 -5.99 2.33
N LEU A 10 -2.29 -5.29 3.32
CA LEU A 10 -2.96 -5.97 4.42
C LEU A 10 -4.31 -6.51 4.01
N HIS A 11 -4.98 -5.83 3.07
CA HIS A 11 -6.28 -6.25 2.54
C HIS A 11 -7.26 -6.56 3.66
N LEU A 12 -7.35 -5.63 4.61
CA LEU A 12 -8.20 -5.81 5.78
C LEU A 12 -9.67 -5.93 5.36
N GLN A 13 -10.39 -6.82 6.04
CA GLN A 13 -11.81 -7.01 5.80
C GLN A 13 -12.40 -7.71 7.01
N THR A 14 -13.68 -7.45 7.27
N THR A 14 -13.68 -7.45 7.27
CA THR A 14 -14.33 -8.01 8.45
CA THR A 14 -14.34 -8.00 8.45
C THR A 14 -14.36 -9.52 8.43
C THR A 14 -14.39 -9.52 8.43
N GLU A 15 -14.26 -10.15 7.26
CA GLU A 15 -14.27 -11.59 7.16
C GLU A 15 -12.92 -12.23 7.49
N GLU A 16 -11.88 -11.44 7.70
CA GLU A 16 -10.55 -11.94 8.08
C GLU A 16 -10.15 -11.31 9.41
N PRO A 17 -10.81 -11.68 10.51
CA PRO A 17 -10.53 -11.00 11.79
C PRO A 17 -9.12 -11.23 12.30
N ALA A 18 -8.48 -12.34 11.94
CA ALA A 18 -7.13 -12.63 12.44
C ALA A 18 -6.12 -11.61 11.90
N ILE A 19 -6.27 -11.20 10.64
CA ILE A 19 -5.38 -10.18 10.09
C ILE A 19 -5.59 -8.85 10.80
N THR A 20 -6.85 -8.48 11.04
CA THR A 20 -7.14 -7.25 11.78
C THR A 20 -6.50 -7.27 13.16
N ALA A 21 -6.62 -8.40 13.86
CA ALA A 21 -6.02 -8.51 15.19
C ALA A 21 -4.50 -8.42 15.11
N GLY A 22 -3.91 -8.99 14.06
CA GLY A 22 -2.46 -8.87 13.90
C GLY A 22 -2.03 -7.43 13.65
N PHE A 23 -2.82 -6.68 12.88
CA PHE A 23 -2.49 -5.28 12.62
C PHE A 23 -2.64 -4.44 13.87
N LEU A 24 -3.71 -4.66 14.63
CA LEU A 24 -3.91 -3.93 15.88
C LEU A 24 -2.76 -4.20 16.84
N ARG A 25 -2.29 -5.43 16.90
CA ARG A 25 -1.17 -5.73 17.78
C ARG A 25 0.12 -5.10 17.27
N PHE A 26 0.31 -5.09 15.95
CA PHE A 26 1.47 -4.43 15.36
C PHE A 26 1.51 -2.95 15.72
N LEU A 27 0.34 -2.28 15.71
CA LEU A 27 0.29 -0.87 16.05
C LEU A 27 0.60 -0.60 17.51
N GLN A 28 0.51 -1.61 18.37
CA GLN A 28 0.87 -1.49 19.78
C GLN A 28 2.30 -1.93 20.06
N GLY A 29 3.02 -2.41 19.06
CA GLY A 29 4.38 -2.91 19.26
C GLY A 29 5.44 -1.87 19.02
N GLU A 30 6.57 -2.29 18.42
CA GLU A 30 7.66 -1.37 18.15
C GLU A 30 7.24 -0.24 17.20
N ALA A 31 6.15 -0.43 16.46
CA ALA A 31 5.63 0.65 15.62
C ALA A 31 5.36 1.92 16.42
N ARG A 32 4.95 1.75 17.70
CA ARG A 32 4.77 2.90 18.57
C ARG A 32 6.05 3.68 18.80
N GLN A 33 7.21 3.08 18.54
CA GLN A 33 8.50 3.71 18.76
C GLN A 33 9.15 4.23 17.48
N ALA A 34 8.57 3.95 16.32
CA ALA A 34 9.23 4.27 15.06
C ALA A 34 9.23 5.77 14.80
N ASP A 35 10.16 6.21 13.96
CA ASP A 35 10.18 7.60 13.51
C ASP A 35 8.97 7.91 12.65
N ALA A 36 8.49 6.94 11.89
CA ALA A 36 7.37 7.13 10.97
C ALA A 36 6.89 5.76 10.50
N LEU A 37 5.64 5.71 10.06
CA LEU A 37 5.04 4.51 9.51
C LEU A 37 4.41 4.85 8.17
N TYR A 38 4.84 4.17 7.12
CA TYR A 38 4.31 4.37 5.78
C TYR A 38 3.49 3.15 5.37
N ILE A 39 2.27 3.38 4.92
CA ILE A 39 1.38 2.33 4.45
C ILE A 39 1.25 2.49 2.94
N LEU A 40 1.87 1.58 2.19
CA LEU A 40 2.01 1.73 0.74
C LEU A 40 0.87 1.10 -0.04
N GLY A 41 -0.38 1.29 0.40
CA GLY A 41 -1.51 0.90 -0.43
C GLY A 41 -2.07 -0.47 -0.05
N ASP A 42 -3.32 -0.68 -0.45
CA ASP A 42 -4.05 -1.91 -0.17
C ASP A 42 -4.08 -2.20 1.32
N LEU A 43 -4.31 -1.15 2.12
CA LEU A 43 -4.62 -1.34 3.53
C LEU A 43 -5.91 -2.12 3.70
N PHE A 44 -6.89 -1.85 2.83
CA PHE A 44 -8.20 -2.48 2.89
C PHE A 44 -8.43 -3.33 1.65
N GLU A 45 -9.27 -4.36 1.80
CA GLU A 45 -9.59 -5.24 0.69
C GLU A 45 -10.34 -4.50 -0.40
N ALA A 46 -11.12 -3.48 -0.04
CA ALA A 46 -11.80 -2.62 -0.98
C ALA A 46 -12.24 -1.36 -0.25
N TRP A 47 -12.36 -0.27 -0.99
CA TRP A 47 -12.83 1.00 -0.44
C TRP A 47 -13.82 1.60 -1.43
N ILE A 48 -15.04 1.88 -0.95
CA ILE A 48 -16.08 2.46 -1.78
C ILE A 48 -16.44 3.88 -1.35
N GLY A 49 -15.65 4.47 -0.46
CA GLY A 49 -15.84 5.85 -0.06
C GLY A 49 -15.73 6.08 1.43
N ASP A 50 -15.32 7.30 1.81
CA ASP A 50 -15.14 7.64 3.21
C ASP A 50 -16.43 7.65 4.01
N ASP A 51 -17.59 7.67 3.36
CA ASP A 51 -18.86 7.67 4.08
C ASP A 51 -19.37 6.27 4.40
N ASP A 52 -18.60 5.24 4.06
CA ASP A 52 -18.97 3.86 4.35
C ASP A 52 -19.03 3.64 5.86
N PRO A 53 -20.16 3.19 6.40
CA PRO A 53 -20.26 2.98 7.85
C PRO A 53 -19.67 1.69 8.36
N ASN A 54 -19.00 0.91 7.51
CA ASN A 54 -18.31 -0.33 7.88
C ASN A 54 -17.56 -0.09 9.19
N PRO A 55 -17.93 -0.80 10.26
CA PRO A 55 -17.30 -0.54 11.57
C PRO A 55 -15.80 -0.77 11.60
N LEU A 56 -15.31 -1.66 10.73
CA LEU A 56 -13.87 -1.92 10.66
C LEU A 56 -13.10 -0.64 10.34
N HIS A 57 -13.68 0.24 9.51
CA HIS A 57 -12.99 1.47 9.13
C HIS A 57 -12.72 2.37 10.34
N GLN A 58 -13.71 2.51 11.23
CA GLN A 58 -13.52 3.32 12.43
C GLN A 58 -12.59 2.64 13.42
N GLN A 59 -12.67 1.31 13.51
CA GLN A 59 -11.75 0.56 14.37
C GLN A 59 -10.31 0.78 13.92
N ILE A 60 -10.06 0.69 12.62
CA ILE A 60 -8.72 0.89 12.08
C ILE A 60 -8.31 2.35 12.22
N ALA A 61 -9.22 3.27 11.93
CA ALA A 61 -8.92 4.69 12.08
C ALA A 61 -8.56 5.03 13.52
N SER A 62 -9.29 4.44 14.48
CA SER A 62 -8.99 4.70 15.89
C SER A 62 -7.60 4.21 16.26
N ALA A 63 -7.21 3.02 15.79
CA ALA A 63 -5.93 2.45 16.18
C ALA A 63 -4.76 3.20 15.56
N ILE A 64 -4.90 3.63 14.31
CA ILE A 64 -3.85 4.42 13.68
C ILE A 64 -3.72 5.78 14.37
N LYS A 65 -4.86 6.41 14.68
CA LYS A 65 -4.83 7.72 15.34
C LYS A 65 -4.13 7.66 16.68
N ALA A 66 -4.27 6.55 17.41
CA ALA A 66 -3.56 6.40 18.67
C ALA A 66 -2.05 6.33 18.45
N VAL A 67 -1.62 5.70 17.36
CA VAL A 67 -0.20 5.68 17.00
C VAL A 67 0.26 7.10 16.66
N VAL A 68 -0.53 7.82 15.88
CA VAL A 68 -0.19 9.19 15.51
C VAL A 68 -0.12 10.07 16.75
N ASP A 69 -1.11 9.94 17.63
CA ASP A 69 -1.12 10.73 18.87
C ASP A 69 0.07 10.39 19.76
N ALA A 70 0.59 9.17 19.65
CA ALA A 70 1.76 8.74 20.41
C ALA A 70 3.06 9.26 19.81
N GLY A 71 2.99 10.09 18.77
CA GLY A 71 4.16 10.72 18.21
C GLY A 71 4.72 10.08 16.95
N VAL A 72 4.02 9.12 16.36
CA VAL A 72 4.50 8.47 15.14
C VAL A 72 3.70 8.95 13.95
N PRO A 73 4.24 9.83 13.11
CA PRO A 73 3.52 10.25 11.92
C PRO A 73 3.27 9.07 10.98
N CYS A 74 2.04 9.00 10.47
N CYS A 74 2.04 9.00 10.47
CA CYS A 74 1.62 7.90 9.61
CA CYS A 74 1.60 7.91 9.60
C CYS A 74 1.22 8.44 8.24
C CYS A 74 1.24 8.46 8.23
N TYR A 75 1.68 7.76 7.19
CA TYR A 75 1.47 8.21 5.81
C TYR A 75 0.83 7.08 5.01
N PHE A 76 0.11 7.47 3.96
CA PHE A 76 -0.63 6.52 3.13
C PHE A 76 -0.45 6.85 1.66
N ILE A 77 -0.03 5.87 0.88
CA ILE A 77 -0.09 5.91 -0.58
C ILE A 77 -1.19 4.96 -1.02
N HIS A 78 -2.03 5.39 -1.95
CA HIS A 78 -3.17 4.58 -2.34
C HIS A 78 -2.73 3.33 -3.09
N GLY A 79 -3.50 2.26 -2.91
CA GLY A 79 -3.36 1.05 -3.69
C GLY A 79 -4.48 0.92 -4.72
N ASN A 80 -4.44 -0.18 -5.46
CA ASN A 80 -5.48 -0.45 -6.45
C ASN A 80 -6.80 -0.85 -5.77
N ARG A 81 -6.76 -1.24 -4.50
CA ARG A 81 -7.98 -1.60 -3.78
C ARG A 81 -8.62 -0.43 -3.06
N ASP A 82 -7.83 0.55 -2.63
CA ASP A 82 -8.35 1.62 -1.77
C ASP A 82 -7.92 3.00 -2.29
N PHE A 83 -8.01 3.20 -3.61
CA PHE A 83 -7.67 4.51 -4.17
C PHE A 83 -8.70 5.57 -3.82
N LEU A 84 -9.87 5.19 -3.32
CA LEU A 84 -10.90 6.16 -2.95
C LEU A 84 -10.77 6.66 -1.52
N VAL A 85 -9.77 6.19 -0.76
CA VAL A 85 -9.54 6.74 0.57
C VAL A 85 -9.26 8.23 0.45
N GLY A 86 -10.02 9.02 1.21
CA GLY A 86 -9.95 10.46 1.05
C GLY A 86 -9.62 11.23 2.31
N GLN A 87 -9.82 12.55 2.27
CA GLN A 87 -9.39 13.41 3.37
C GLN A 87 -10.23 13.22 4.63
N ARG A 88 -11.48 12.77 4.48
CA ARG A 88 -12.28 12.51 5.66
C ARG A 88 -11.68 11.37 6.49
N PHE A 89 -11.28 10.28 5.82
CA PHE A 89 -10.64 9.19 6.55
C PHE A 89 -9.25 9.58 7.03
N ALA A 90 -8.52 10.38 6.25
CA ALA A 90 -7.24 10.89 6.70
C ALA A 90 -7.39 11.66 8.00
N ARG A 91 -8.39 12.53 8.06
N ARG A 91 -8.40 12.52 8.08
CA ARG A 91 -8.67 13.28 9.28
CA ARG A 91 -8.65 13.25 9.32
C ARG A 91 -9.08 12.36 10.42
C ARG A 91 -9.04 12.31 10.45
N GLN A 92 -9.89 11.33 10.11
N GLN A 92 -9.92 11.34 10.16
CA GLN A 92 -10.37 10.41 11.13
CA GLN A 92 -10.36 10.41 11.19
C GLN A 92 -9.25 9.53 11.68
C GLN A 92 -9.19 9.58 11.72
N SER A 93 -8.28 9.17 10.83
CA SER A 93 -7.18 8.30 11.21
C SER A 93 -5.92 9.06 11.59
N GLY A 94 -5.83 10.35 11.28
CA GLY A 94 -4.61 11.09 11.48
C GLY A 94 -3.53 10.83 10.46
N MET A 95 -3.83 10.03 9.44
CA MET A 95 -2.85 9.75 8.39
C MET A 95 -2.73 10.93 7.43
N ILE A 96 -1.55 11.06 6.82
CA ILE A 96 -1.29 12.04 5.79
C ILE A 96 -1.26 11.32 4.45
N LEU A 97 -2.07 11.80 3.51
CA LEU A 97 -2.14 11.18 2.19
C LEU A 97 -1.01 11.69 1.30
N LEU A 98 -0.33 10.77 0.63
CA LEU A 98 0.79 11.10 -0.24
C LEU A 98 0.44 10.80 -1.70
N ALA A 99 1.31 11.25 -2.60
CA ALA A 99 1.12 11.05 -4.03
C ALA A 99 1.52 9.62 -4.42
N GLU A 100 1.29 9.27 -5.68
CA GLU A 100 1.52 7.89 -6.12
C GLU A 100 3.00 7.52 -6.12
N GLU A 101 3.89 8.50 -6.23
CA GLU A 101 5.32 8.30 -6.02
C GLU A 101 5.83 9.36 -5.06
N GLU A 102 6.68 8.96 -4.13
CA GLU A 102 7.31 9.89 -3.21
C GLU A 102 8.76 9.47 -3.00
N ARG A 103 9.66 10.46 -2.96
CA ARG A 103 11.06 10.24 -2.67
C ARG A 103 11.36 10.71 -1.26
N LEU A 104 11.88 9.81 -0.43
CA LEU A 104 12.15 10.09 0.97
C LEU A 104 13.66 10.16 1.21
N ASP A 105 14.05 10.98 2.18
CA ASP A 105 15.40 10.96 2.71
C ASP A 105 15.34 10.25 4.06
N LEU A 106 15.87 9.04 4.11
CA LEU A 106 15.84 8.20 5.32
C LEU A 106 17.27 8.07 5.83
N TYR A 107 17.62 8.92 6.79
CA TYR A 107 18.92 8.88 7.47
C TYR A 107 20.07 8.96 6.47
N GLY A 108 19.86 9.76 5.43
CA GLY A 108 20.86 9.95 4.39
C GLY A 108 20.68 9.08 3.17
N ARG A 109 19.81 8.08 3.22
CA ARG A 109 19.56 7.19 2.09
C ARG A 109 18.26 7.62 1.42
N GLU A 110 18.34 7.93 0.13
CA GLU A 110 17.18 8.36 -0.65
C GLU A 110 16.43 7.13 -1.15
N VAL A 111 15.11 7.11 -0.92
CA VAL A 111 14.30 5.93 -1.18
C VAL A 111 13.03 6.36 -1.90
N LEU A 112 12.71 5.68 -3.00
CA LEU A 112 11.47 5.86 -3.72
C LEU A 112 10.41 4.89 -3.19
N ILE A 113 9.20 5.39 -2.98
CA ILE A 113 8.10 4.55 -2.50
C ILE A 113 6.89 4.74 -3.40
N MET A 114 6.14 3.65 -3.59
CA MET A 114 4.94 3.62 -4.40
C MET A 114 4.22 2.32 -4.08
N HIS A 115 2.96 2.22 -4.51
CA HIS A 115 2.25 0.96 -4.31
C HIS A 115 2.84 -0.15 -5.17
N GLY A 116 3.17 0.17 -6.43
CA GLY A 116 3.83 -0.76 -7.32
C GLY A 116 3.04 -1.15 -8.54
N ASP A 117 1.72 -0.93 -8.55
CA ASP A 117 0.92 -1.36 -9.69
C ASP A 117 1.28 -0.59 -10.96
N THR A 118 1.74 0.65 -10.82
CA THR A 118 2.13 1.43 -11.99
C THR A 118 3.41 0.95 -12.65
N LEU A 119 4.11 -0.01 -12.03
CA LEU A 119 5.29 -0.61 -12.63
C LEU A 119 4.96 -1.78 -13.54
N CYS A 120 3.70 -2.22 -13.56
CA CYS A 120 3.29 -3.35 -14.39
C CYS A 120 2.82 -2.85 -15.76
N THR A 121 3.74 -2.21 -16.46
CA THR A 121 3.45 -1.47 -17.70
C THR A 121 3.19 -2.38 -18.90
N ASP A 122 3.33 -3.70 -18.77
CA ASP A 122 2.95 -4.61 -19.84
C ASP A 122 1.48 -5.01 -19.78
N ASP A 123 0.80 -4.71 -18.67
CA ASP A 123 -0.62 -5.03 -18.50
C ASP A 123 -1.42 -3.83 -18.97
N GLN A 124 -1.56 -3.72 -20.30
CA GLN A 124 -2.27 -2.59 -20.89
C GLN A 124 -3.73 -2.56 -20.48
N GLY A 125 -4.32 -3.73 -20.26
CA GLY A 125 -5.70 -3.77 -19.77
C GLY A 125 -5.83 -3.13 -18.40
N TYR A 126 -4.94 -3.49 -17.47
CA TYR A 126 -5.01 -2.92 -16.13
C TYR A 126 -4.82 -1.41 -16.16
N LEU A 127 -3.80 -0.93 -16.88
CA LEU A 127 -3.51 0.49 -16.90
C LEU A 127 -4.66 1.29 -17.50
N ALA A 128 -5.41 0.70 -18.44
CA ALA A 128 -6.59 1.37 -18.96
C ALA A 128 -7.67 1.47 -17.89
N PHE A 129 -7.90 0.36 -17.17
CA PHE A 129 -8.81 0.39 -16.03
C PHE A 129 -8.37 1.43 -15.00
N ARG A 130 -7.06 1.47 -14.70
CA ARG A 130 -6.55 2.38 -13.69
C ARG A 130 -6.78 3.84 -14.07
N ALA A 131 -6.58 4.16 -15.36
CA ALA A 131 -6.78 5.54 -15.80
C ALA A 131 -8.23 5.97 -15.61
N LYS A 132 -9.18 5.05 -15.80
CA LYS A 132 -10.59 5.39 -15.69
C LYS A 132 -11.00 5.62 -14.24
N VAL A 133 -10.67 4.67 -13.35
CA VAL A 133 -11.09 4.78 -11.96
C VAL A 133 -10.35 5.87 -11.21
N HIS A 134 -9.34 6.48 -11.82
CA HIS A 134 -8.65 7.63 -11.24
C HIS A 134 -9.11 8.94 -11.86
N THR A 135 -10.03 8.91 -12.80
CA THR A 135 -10.58 10.15 -13.36
C THR A 135 -11.49 10.80 -12.33
N PRO A 136 -11.27 12.06 -11.96
CA PRO A 136 -12.03 12.65 -10.84
C PRO A 136 -13.53 12.66 -11.03
N TRP A 137 -14.02 13.03 -12.22
CA TRP A 137 -15.47 13.09 -12.39
C TRP A 137 -16.09 11.70 -12.35
N ILE A 138 -15.36 10.67 -12.79
CA ILE A 138 -15.86 9.31 -12.66
C ILE A 138 -15.88 8.89 -11.20
N GLN A 139 -14.86 9.28 -10.43
CA GLN A 139 -14.87 9.02 -8.99
C GLN A 139 -16.02 9.73 -8.30
N ARG A 140 -16.23 11.00 -8.64
CA ARG A 140 -17.33 11.75 -8.03
C ARG A 140 -18.67 11.14 -8.36
N LEU A 141 -18.82 10.60 -9.56
CA LEU A 141 -20.07 9.94 -9.94
C LEU A 141 -20.30 8.69 -9.10
N PHE A 142 -19.26 7.86 -8.97
CA PHE A 142 -19.38 6.66 -8.15
C PHE A 142 -19.74 7.00 -6.72
N LEU A 143 -19.09 8.03 -6.15
CA LEU A 143 -19.31 8.38 -4.76
C LEU A 143 -20.70 8.96 -4.51
N ALA A 144 -21.37 9.45 -5.55
CA ALA A 144 -22.73 9.97 -5.39
C ALA A 144 -23.79 8.89 -5.39
N LEU A 145 -23.44 7.66 -5.77
CA LEU A 145 -24.39 6.57 -5.79
C LEU A 145 -24.68 6.09 -4.37
N PRO A 146 -25.84 5.47 -4.16
CA PRO A 146 -26.13 4.88 -2.84
C PRO A 146 -25.12 3.79 -2.50
N LEU A 147 -24.93 3.59 -1.19
CA LEU A 147 -23.91 2.63 -0.74
C LEU A 147 -24.20 1.23 -1.25
N PHE A 148 -25.47 0.80 -1.25
CA PHE A 148 -25.77 -0.56 -1.67
C PHE A 148 -25.53 -0.75 -3.16
N ILE A 149 -25.59 0.33 -3.95
CA ILE A 149 -25.20 0.25 -5.35
C ILE A 149 -23.69 0.16 -5.47
N ARG A 150 -22.96 0.96 -4.69
CA ARG A 150 -21.50 0.93 -4.76
C ARG A 150 -20.95 -0.44 -4.38
N HIS A 151 -21.61 -1.11 -3.42
CA HIS A 151 -21.19 -2.46 -3.06
C HIS A 151 -21.32 -3.42 -4.23
N ARG A 152 -22.43 -3.33 -4.97
CA ARG A 152 -22.61 -4.23 -6.11
C ARG A 152 -21.58 -3.97 -7.20
N ILE A 153 -21.27 -2.71 -7.48
CA ILE A 153 -20.26 -2.40 -8.48
C ILE A 153 -18.90 -2.94 -8.05
N ALA A 154 -18.55 -2.76 -6.77
CA ALA A 154 -17.29 -3.28 -6.27
C ALA A 154 -17.25 -4.80 -6.38
N ALA A 155 -18.37 -5.47 -6.10
CA ALA A 155 -18.41 -6.93 -6.19
C ALA A 155 -18.18 -7.40 -7.61
N ARG A 156 -18.75 -6.69 -8.59
CA ARG A 156 -18.53 -7.06 -9.98
C ARG A 156 -17.09 -6.83 -10.40
N MET A 157 -16.51 -5.69 -10.00
CA MET A 157 -15.11 -5.43 -10.33
C MET A 157 -14.19 -6.49 -9.76
N ARG A 158 -14.43 -6.90 -8.51
CA ARG A 158 -13.62 -7.95 -7.90
C ARG A 158 -13.78 -9.27 -8.66
N ALA A 159 -15.00 -9.61 -9.06
CA ALA A 159 -15.22 -10.85 -9.79
C ALA A 159 -14.50 -10.84 -11.13
N ASP A 160 -14.59 -9.73 -11.86
CA ASP A 160 -13.94 -9.65 -13.17
C ASP A 160 -12.43 -9.57 -13.04
N SER A 161 -11.92 -8.94 -11.97
CA SER A 161 -10.48 -8.92 -11.75
C SER A 161 -9.94 -10.31 -11.53
N LYS A 162 -10.59 -11.08 -10.65
CA LYS A 162 -10.16 -12.45 -10.39
C LYS A 162 -10.25 -13.32 -11.63
N ALA A 163 -11.19 -13.02 -12.53
CA ALA A 163 -11.29 -13.77 -13.77
C ALA A 163 -10.18 -13.37 -14.74
N ALA A 164 -9.95 -12.07 -14.88
CA ALA A 164 -8.88 -11.60 -15.77
C ALA A 164 -7.51 -12.02 -15.26
N ASN A 165 -7.34 -12.12 -13.95
CA ASN A 165 -6.06 -12.56 -13.41
C ASN A 165 -5.81 -14.04 -13.68
N SER A 166 -6.88 -14.83 -13.82
N SER A 166 -6.88 -14.83 -13.82
CA SER A 166 -6.74 -16.24 -14.15
CA SER A 166 -6.74 -16.24 -14.15
C SER A 166 -6.48 -16.45 -15.64
C SER A 166 -6.55 -16.48 -15.63
N SER A 167 -7.00 -15.56 -16.49
CA SER A 167 -6.84 -15.66 -17.93
C SER A 167 -5.63 -14.92 -18.45
N LYS A 168 -4.92 -14.18 -17.59
CA LYS A 168 -3.71 -13.46 -17.98
C LYS A 168 -2.48 -14.23 -17.55
N SER A 169 -1.42 -14.10 -18.34
CA SER A 169 -0.16 -14.74 -18.00
C SER A 169 0.61 -13.89 -16.98
N MET A 170 1.34 -14.59 -16.10
CA MET A 170 2.14 -13.88 -15.10
C MET A 170 3.21 -13.01 -15.75
N GLU A 171 3.65 -13.38 -16.96
CA GLU A 171 4.67 -12.60 -17.65
C GLU A 171 4.15 -11.26 -18.17
N ILE A 172 2.82 -11.10 -18.26
CA ILE A 172 2.25 -9.82 -18.65
C ILE A 172 1.80 -8.99 -17.45
N MET A 173 1.63 -9.61 -16.28
CA MET A 173 1.11 -8.92 -15.11
C MET A 173 2.19 -8.50 -14.12
N ASP A 174 3.37 -9.11 -14.15
CA ASP A 174 4.37 -8.80 -13.15
C ASP A 174 5.07 -7.48 -13.45
N VAL A 175 5.98 -7.08 -12.56
CA VAL A 175 6.67 -5.81 -12.69
C VAL A 175 7.57 -5.82 -13.92
N ASN A 176 7.54 -4.73 -14.67
CA ASN A 176 8.38 -4.58 -15.86
C ASN A 176 9.74 -4.03 -15.45
N PRO A 177 10.84 -4.71 -15.75
CA PRO A 177 12.15 -4.26 -15.24
C PRO A 177 12.58 -2.91 -15.79
N GLN A 178 12.19 -2.54 -17.00
CA GLN A 178 12.55 -1.24 -17.53
C GLN A 178 11.76 -0.13 -16.86
N ALA A 179 10.49 -0.39 -16.52
CA ALA A 179 9.72 0.59 -15.75
C ALA A 179 10.36 0.86 -14.40
N VAL A 180 10.99 -0.15 -13.81
CA VAL A 180 11.69 0.05 -12.54
C VAL A 180 12.88 0.98 -12.73
N VAL A 181 13.72 0.69 -13.72
CA VAL A 181 14.89 1.52 -14.00
C VAL A 181 14.47 2.96 -14.27
N ASP A 182 13.42 3.13 -15.08
CA ASP A 182 12.96 4.48 -15.42
C ASP A 182 12.52 5.25 -14.18
N ALA A 183 11.75 4.60 -13.30
CA ALA A 183 11.29 5.28 -12.09
C ALA A 183 12.44 5.62 -11.16
N MET A 184 13.40 4.70 -11.01
CA MET A 184 14.52 4.95 -10.10
C MET A 184 15.49 5.98 -10.66
N GLU A 185 15.54 6.13 -11.99
CA GLU A 185 16.40 7.15 -12.57
C GLU A 185 15.68 8.50 -12.64
N ARG A 186 14.35 8.50 -12.79
CA ARG A 186 13.60 9.74 -12.70
C ARG A 186 13.77 10.40 -11.34
N HIS A 187 13.84 9.60 -10.28
CA HIS A 187 14.00 10.10 -8.93
C HIS A 187 15.45 10.05 -8.45
N HIS A 188 16.36 9.50 -9.25
CA HIS A 188 17.77 9.36 -8.92
C HIS A 188 17.96 8.75 -7.53
N VAL A 189 17.42 7.54 -7.38
CA VAL A 189 17.54 6.78 -6.15
C VAL A 189 18.18 5.43 -6.47
N GLN A 190 18.82 4.85 -5.46
CA GLN A 190 19.30 3.49 -5.53
C GLN A 190 18.44 2.53 -4.74
N TRP A 191 17.36 3.02 -4.11
CA TRP A 191 16.49 2.18 -3.30
C TRP A 191 15.03 2.47 -3.64
N LEU A 192 14.25 1.39 -3.77
CA LEU A 192 12.83 1.49 -4.07
C LEU A 192 12.08 0.45 -3.24
N ILE A 193 11.00 0.87 -2.59
CA ILE A 193 10.16 0.00 -1.81
C ILE A 193 8.74 0.08 -2.36
N HIS A 194 8.15 -1.08 -2.67
CA HIS A 194 6.78 -1.09 -3.15
C HIS A 194 6.09 -2.37 -2.68
N GLY A 195 4.79 -2.45 -2.95
CA GLY A 195 4.02 -3.64 -2.65
C GLY A 195 3.31 -4.18 -3.88
N HIS A 196 2.01 -4.47 -3.74
CA HIS A 196 1.11 -4.89 -4.81
C HIS A 196 1.31 -6.34 -5.29
N THR A 197 2.56 -6.73 -5.56
CA THR A 197 2.78 -8.03 -6.21
C THR A 197 2.72 -9.20 -5.23
N HIS A 198 2.85 -8.95 -3.92
CA HIS A 198 2.75 -9.99 -2.89
C HIS A 198 3.88 -11.02 -3.01
N ARG A 199 5.03 -10.59 -3.54
N ARG A 199 5.03 -10.60 -3.53
CA ARG A 199 6.21 -11.45 -3.68
CA ARG A 199 6.21 -11.46 -3.67
C ARG A 199 7.37 -10.80 -2.95
C ARG A 199 7.36 -10.80 -2.95
N PRO A 200 7.43 -10.94 -1.62
CA PRO A 200 8.49 -10.25 -0.86
C PRO A 200 9.88 -10.71 -1.27
N ALA A 201 10.73 -9.76 -1.61
CA ALA A 201 12.04 -10.03 -2.19
C ALA A 201 12.86 -8.76 -2.17
N VAL A 202 14.15 -8.91 -2.43
CA VAL A 202 15.08 -7.80 -2.65
C VAL A 202 15.77 -8.06 -3.98
N HIS A 203 15.43 -7.26 -4.99
CA HIS A 203 15.96 -7.43 -6.34
C HIS A 203 17.09 -6.44 -6.57
N GLU A 204 18.24 -6.93 -7.02
CA GLU A 204 19.34 -6.06 -7.41
C GLU A 204 19.27 -5.75 -8.89
N LEU A 205 19.55 -4.50 -9.24
CA LEU A 205 19.55 -4.04 -10.63
C LEU A 205 20.60 -2.96 -10.75
N GLN A 206 20.57 -2.25 -11.88
CA GLN A 206 21.45 -1.10 -12.11
C GLN A 206 20.58 0.11 -12.46
N ALA A 207 20.81 1.21 -11.76
CA ALA A 207 20.15 2.48 -12.06
C ALA A 207 21.12 3.60 -11.72
N ASN A 208 21.11 4.64 -12.55
CA ASN A 208 21.99 5.79 -12.40
C ASN A 208 23.46 5.38 -12.43
N GLY A 209 23.78 4.33 -13.19
CA GLY A 209 25.13 3.83 -13.29
C GLY A 209 25.67 3.18 -12.04
N GLN A 210 24.80 2.77 -11.13
N GLN A 210 24.80 2.78 -11.12
CA GLN A 210 25.20 2.24 -9.84
CA GLN A 210 25.17 2.23 -9.84
C GLN A 210 24.32 1.04 -9.52
C GLN A 210 24.31 1.02 -9.52
N PRO A 211 24.74 0.17 -8.60
CA PRO A 211 23.85 -0.88 -8.10
C PRO A 211 22.64 -0.26 -7.40
N ALA A 212 21.48 -0.85 -7.65
CA ALA A 212 20.23 -0.38 -7.05
C ALA A 212 19.43 -1.59 -6.60
N TRP A 213 18.46 -1.34 -5.72
CA TRP A 213 17.71 -2.42 -5.11
C TRP A 213 16.23 -2.09 -5.06
N ARG A 214 15.41 -3.09 -5.37
CA ARG A 214 13.96 -2.99 -5.33
C ARG A 214 13.46 -3.94 -4.25
N VAL A 215 12.91 -3.39 -3.18
CA VAL A 215 12.43 -4.16 -2.04
C VAL A 215 10.92 -4.28 -2.13
N VAL A 216 10.41 -5.51 -2.05
CA VAL A 216 8.99 -5.78 -2.23
C VAL A 216 8.41 -6.28 -0.91
N LEU A 217 7.32 -5.67 -0.49
CA LEU A 217 6.62 -6.06 0.73
C LEU A 217 5.75 -7.28 0.48
N GLY A 218 5.40 -7.97 1.57
CA GLY A 218 4.54 -9.13 1.52
C GLY A 218 3.12 -8.79 1.92
N ALA A 219 2.18 -9.55 1.38
CA ALA A 219 0.80 -9.44 1.82
C ALA A 219 0.63 -10.14 3.16
N TRP A 220 -0.35 -9.66 3.93
CA TRP A 220 -0.61 -10.22 5.27
C TRP A 220 -1.61 -11.36 5.11
N HIS A 221 -1.09 -12.58 4.98
CA HIS A 221 -1.94 -13.75 4.85
C HIS A 221 -1.99 -14.51 6.17
N SER A 222 -0.92 -15.24 6.48
CA SER A 222 -0.79 -15.96 7.74
C SER A 222 0.04 -15.20 8.76
N GLU A 223 0.98 -14.38 8.29
CA GLU A 223 1.85 -13.59 9.14
C GLU A 223 1.95 -12.19 8.57
N GLY A 224 2.49 -11.28 9.38
CA GLY A 224 2.72 -9.92 8.93
C GLY A 224 4.07 -9.74 8.27
N SER A 225 4.22 -8.61 7.59
CA SER A 225 5.42 -8.29 6.84
C SER A 225 5.67 -6.79 6.92
N MET A 226 6.94 -6.41 7.04
CA MET A 226 7.27 -4.98 7.05
C MET A 226 8.69 -4.81 6.55
N VAL A 227 8.97 -3.59 6.07
CA VAL A 227 10.32 -3.15 5.78
C VAL A 227 10.71 -2.10 6.82
N LYS A 228 11.91 -2.25 7.36
CA LYS A 228 12.43 -1.36 8.39
C LYS A 228 13.73 -0.77 7.86
N VAL A 229 13.77 0.56 7.72
CA VAL A 229 14.96 1.26 7.26
C VAL A 229 15.58 1.95 8.47
N THR A 230 16.86 1.68 8.71
CA THR A 230 17.61 2.31 9.79
C THR A 230 18.76 3.09 9.17
N PRO A 231 19.50 3.90 9.94
CA PRO A 231 20.73 4.50 9.40
C PRO A 231 21.74 3.48 8.92
N ASP A 232 21.62 2.21 9.33
CA ASP A 232 22.63 1.20 9.04
C ASP A 232 22.24 0.18 7.98
N ASP A 233 20.95 -0.08 7.77
CA ASP A 233 20.56 -1.18 6.89
C ASP A 233 19.11 -1.03 6.47
N VAL A 234 18.67 -1.95 5.63
CA VAL A 234 17.28 -2.08 5.19
C VAL A 234 16.86 -3.52 5.47
N GLU A 235 15.77 -3.70 6.20
CA GLU A 235 15.38 -5.00 6.72
C GLU A 235 13.98 -5.37 6.24
N LEU A 236 13.86 -6.57 5.66
CA LEU A 236 12.57 -7.16 5.31
C LEU A 236 12.23 -8.19 6.37
N ILE A 237 11.13 -7.95 7.10
CA ILE A 237 10.88 -8.63 8.38
C ILE A 237 9.51 -9.30 8.33
N HIS A 238 9.46 -10.56 8.75
CA HIS A 238 8.22 -11.32 8.84
C HIS A 238 7.97 -11.73 10.28
N PHE A 239 6.74 -11.54 10.74
CA PHE A 239 6.41 -11.69 12.16
C PHE A 239 5.01 -12.27 12.29
N PRO A 240 4.73 -13.03 13.35
CA PRO A 240 3.39 -13.59 13.51
C PRO A 240 2.38 -12.55 13.95
N PHE A 241 1.11 -12.82 13.64
CA PHE A 241 0.03 -11.91 14.04
C PHE A 241 -0.03 -11.76 15.55
N LEU A 242 0.00 -12.88 16.27
CA LEU A 242 -0.11 -12.89 17.72
C LEU A 242 1.20 -13.41 18.33
N GLU A 243 1.35 -13.19 19.63
CA GLU A 243 2.53 -13.65 20.35
C GLU A 243 2.58 -15.16 20.39
N GLU A 244 3.63 -15.73 19.79
MN MN B . -2.25 -6.12 -2.53
MN MN C . -2.24 -3.83 -5.03
MN MN D . 10.08 9.54 18.22
MN MN E . 16.80 -4.80 15.25
O48 LP5 F . -5.59 -8.20 -6.86
P45 LP5 F . -6.61 -7.71 -7.85
O46 LP5 F . -7.70 -8.74 -8.01
O47 LP5 F . -7.22 -6.41 -7.36
O1 LP5 F . -5.88 -7.45 -9.31
C1 LP5 F . -5.30 -6.25 -9.55
C2 LP5 F . -5.96 -5.63 -10.79
N2 LP5 F . -7.42 -5.50 -10.54
C7 LP5 F . -7.91 -4.30 -9.89
C8 LP5 F . -9.40 -4.14 -9.63
C16 LP5 F . -9.63 -4.08 -8.13
O44 LP5 F . -9.36 -5.32 -7.54
C17 LP5 F . -11.09 -3.70 -7.87
C18 LP5 F . -11.19 -3.19 -6.43
C19 LP5 F . -12.57 -2.58 -6.22
C20 LP5 F . -12.40 -1.20 -5.58
C21 LP5 F . -13.74 -0.75 -5.02
C22 LP5 F . -14.59 -0.24 -6.18
C23 LP5 F . -14.21 1.22 -6.42
C24 LP5 F . -14.56 1.60 -7.86
C25 LP5 F . -14.55 3.12 -7.97
C26 LP5 F . -14.77 3.53 -9.41
C27 LP5 F . -14.65 5.05 -9.51
O7 LP5 F . -7.16 -3.46 -9.56
C3 LP5 F . -5.75 -6.48 -12.00
C4 LP5 F . -4.32 -6.77 -12.22
C5 LP5 F . -3.67 -7.36 -10.96
O5 LP5 F . -3.87 -6.44 -9.80
C6 LP5 F . -2.21 -7.50 -11.20
O6 LP5 F . -1.64 -6.23 -11.30
O4 LP5 F . -4.23 -7.75 -13.28
O3 LP5 F . -6.24 -5.75 -13.16
C28 LP5 F . -7.34 -6.33 -13.80
O42 LP5 F . -7.52 -7.50 -13.71
C29 LP5 F . -8.31 -5.46 -14.59
C30 LP5 F . -8.60 -6.10 -15.94
O43 LP5 F . -7.44 -6.18 -16.71
C31 LP5 F . -9.65 -5.22 -16.65
C32 LP5 F . -10.92 -5.26 -15.81
C33 LP5 F . -11.84 -4.10 -16.17
C34 LP5 F . -13.26 -4.63 -16.30
C35 LP5 F . -14.02 -4.39 -15.00
C36 LP5 F . -15.02 -3.25 -15.21
C37 LP5 F . -16.27 -3.50 -14.37
C38 LP5 F . -17.18 -2.28 -14.49
C39 LP5 F . -18.57 -2.61 -13.92
C40 LP5 F . -19.39 -1.33 -13.82
C41 LP5 F . -20.75 -1.62 -13.19
O1 PG4 G . -10.68 -1.86 -19.61
C1 PG4 G . -11.20 -0.57 -19.39
C2 PG4 G . -12.38 -0.66 -18.43
O2 PG4 G . -12.51 0.54 -17.73
C3 PG4 G . -13.84 0.91 -17.49
C4 PG4 G . -14.13 0.92 -15.99
O3 PG4 G . -15.15 1.84 -15.73
C5 PG4 G . -15.73 1.75 -14.46
C6 PG4 G . -16.66 2.94 -14.27
O4 PG4 G . -17.31 2.87 -13.04
C7 PG4 G . -18.63 3.35 -13.07
C8 PG4 G . -18.91 4.21 -11.84
O5 PG4 G . -20.20 4.76 -11.94
O1 PG4 H . 8.58 4.12 -14.34
C1 PG4 H . 7.34 4.33 -14.97
C2 PG4 H . 6.24 3.58 -14.20
O2 PG4 H . 5.28 4.49 -13.77
C3 PG4 H . 4.72 5.25 -14.80
C4 PG4 H . 3.65 6.20 -14.23
O3 PG4 H . 2.99 6.82 -15.30
C5 PG4 H . 2.81 8.19 -15.13
C6 PG4 H . 1.53 8.60 -15.85
O4 PG4 H . 0.54 7.65 -15.60
C7 PG4 H . -0.04 7.73 -14.34
C8 PG4 H . 0.02 6.37 -13.64
O5 PG4 H . 0.16 5.36 -14.59
CA CA I . 7.06 -9.58 -17.67
C1 EDO J . 7.66 12.63 4.06
O1 EDO J . 7.80 13.53 5.17
C2 EDO J . 6.61 13.13 3.09
O2 EDO J . 7.13 13.05 1.75
#